data_5EMP
#
_entry.id   5EMP
#
_cell.length_a   39.279
_cell.length_b   100.492
_cell.length_c   112.043
_cell.angle_alpha   90.000
_cell.angle_beta   90.000
_cell.angle_gamma   90.000
#
_symmetry.space_group_name_H-M   'P 21 21 21'
#
loop_
_entity.id
_entity.type
_entity.pdbx_description
1 polymer 'Glucocorticoid receptor'
2 polymer "DNA (5'-D(*CP*CP*AP*GP*AP*AP*CP*AP*TP*GP*AP*TP*GP*TP*TP*CP*TP*G)-3')"
3 polymer "DNA (5'-D(P*CP*CP*AP*GP*AP*AP*CP*AP*TP*(5CM)P*AP*TP*GP*TP*TP*CP*TP*G)-3')"
4 non-polymer 'ZINC ION'
5 water water
#
loop_
_entity_poly.entity_id
_entity_poly.type
_entity_poly.pdbx_seq_one_letter_code
_entity_poly.pdbx_strand_id
1 'polypeptide(L)'
;GSHMTATTGPPPKLCLVCSDEASGCHYGVLTCGSCKVFFKRAVEGQHNYLCAGRNDCIIDKIRRKNCPACRYRKCLQAGM
NLEARKTKKKIKGI
;
A,B
2 'polydeoxyribonucleotide' (DC)(DC)(DA)(DG)(DA)(DA)(DC)(DA)(DT)(DG)(DA)(DT)(DG)(DT)(DT)(DC)(DT)(DG) C
3 'polydeoxyribonucleotide' (DC)(DC)(DA)(DG)(DA)(DA)(DC)(DA)(DT)(5CM)(DA)(DT)(DG)(DT)(DT)(DC)(DT)(DG) D
#
loop_
_chem_comp.id
_chem_comp.type
_chem_comp.name
_chem_comp.formula
5CM DNA linking 5-METHYL-2'-DEOXY-CYTIDINE-5'-MONOPHOSPHATE 'C10 H16 N3 O7 P'
DA DNA linking 2'-DEOXYADENOSINE-5'-MONOPHOSPHATE 'C10 H14 N5 O6 P'
DC DNA linking 2'-DEOXYCYTIDINE-5'-MONOPHOSPHATE 'C9 H14 N3 O7 P'
DG DNA linking 2'-DEOXYGUANOSINE-5'-MONOPHOSPHATE 'C10 H14 N5 O7 P'
DT DNA linking THYMIDINE-5'-MONOPHOSPHATE 'C10 H15 N2 O8 P'
ZN non-polymer 'ZINC ION' 'Zn 2'
#
# COMPACT_ATOMS: atom_id res chain seq x y z
N LYS A 13 10.23 22.83 -7.55
CA LYS A 13 10.74 21.84 -6.60
C LYS A 13 10.26 20.55 -6.00
N LEU A 14 9.13 20.66 -5.33
CA LEU A 14 8.52 19.54 -4.67
C LEU A 14 7.25 19.14 -5.35
N CYS A 15 7.11 17.87 -5.67
CA CYS A 15 5.83 17.36 -6.19
C CYS A 15 4.69 17.67 -5.24
N LEU A 16 3.63 18.29 -5.75
CA LEU A 16 2.46 18.63 -4.94
C LEU A 16 1.60 17.43 -4.53
N VAL A 17 1.93 16.25 -5.04
CA VAL A 17 1.18 15.06 -4.67
C VAL A 17 1.94 14.27 -3.61
N CYS A 18 3.23 14.05 -3.82
CA CYS A 18 3.98 13.19 -2.91
C CYS A 18 5.18 13.84 -2.20
N SER A 19 5.49 15.08 -2.58
CA SER A 19 6.58 15.86 -1.96
C SER A 19 7.99 15.37 -2.30
N ASP A 20 8.10 14.43 -3.22
CA ASP A 20 9.38 14.10 -3.83
C ASP A 20 9.77 15.28 -4.74
N GLU A 21 11.02 15.30 -5.20
CA GLU A 21 11.48 16.38 -6.07
C GLU A 21 10.67 16.39 -7.36
N ALA A 22 10.04 17.52 -7.67
CA ALA A 22 9.26 17.63 -8.89
C ALA A 22 10.20 17.65 -10.09
N SER A 23 9.67 17.29 -11.27
CA SER A 23 10.48 17.23 -12.47
C SER A 23 10.03 18.24 -13.51
N GLY A 24 8.81 18.75 -13.36
CA GLY A 24 8.24 19.70 -14.31
C GLY A 24 6.74 19.81 -14.12
N CYS A 25 6.09 20.63 -14.93
CA CYS A 25 4.64 20.80 -14.82
C CYS A 25 3.92 19.72 -15.64
N HIS A 26 3.28 18.78 -14.94
CA HIS A 26 2.66 17.63 -15.61
C HIS A 26 1.16 17.53 -15.36
N TYR A 27 0.40 17.42 -16.45
CA TYR A 27 -1.07 17.40 -16.40
C TYR A 27 -1.64 18.58 -15.64
N GLY A 28 -1.03 19.75 -15.84
CA GLY A 28 -1.51 20.99 -15.30
C GLY A 28 -0.97 21.30 -13.92
N VAL A 29 -0.13 20.40 -13.40
CA VAL A 29 0.31 20.49 -12.03
C VAL A 29 1.81 20.21 -11.91
N LEU A 30 2.47 20.88 -10.98
CA LEU A 30 3.85 20.56 -10.67
C LEU A 30 3.95 19.20 -9.95
N THR A 31 4.44 18.18 -10.65
CA THR A 31 4.61 16.85 -10.04
C THR A 31 5.94 16.20 -10.36
N CYS A 32 6.21 15.08 -9.70
CA CYS A 32 7.36 14.25 -10.01
C CYS A 32 7.02 13.35 -11.20
N GLY A 33 8.01 12.62 -11.69
CA GLY A 33 7.82 11.70 -12.80
C GLY A 33 6.91 10.52 -12.46
N SER A 34 7.09 9.96 -11.27
CA SER A 34 6.28 8.80 -10.87
C SER A 34 4.80 9.19 -10.76
N CYS A 35 4.53 10.35 -10.19
CA CYS A 35 3.16 10.84 -10.11
C CYS A 35 2.51 11.14 -11.48
N LYS A 36 3.29 11.66 -12.42
CA LYS A 36 2.77 11.91 -13.76
C LYS A 36 2.25 10.62 -14.38
N VAL A 37 3.08 9.58 -14.40
CA VAL A 37 2.70 8.33 -15.05
C VAL A 37 1.63 7.59 -14.25
N PHE A 38 1.69 7.69 -12.93
CA PHE A 38 0.64 7.07 -12.11
C PHE A 38 -0.74 7.66 -12.47
N PHE A 39 -0.81 8.99 -12.53
CA PHE A 39 -2.08 9.65 -12.86
C PHE A 39 -2.67 9.21 -14.20
N LYS A 40 -1.85 9.20 -15.25
CA LYS A 40 -2.30 8.80 -16.57
C LYS A 40 -2.77 7.35 -16.55
N ARG A 41 -2.03 6.52 -15.82
CA ARG A 41 -2.37 5.10 -15.76
C ARG A 41 -3.69 4.92 -15.01
N ALA A 42 -3.90 5.72 -13.97
CA ALA A 42 -5.14 5.64 -13.20
C ALA A 42 -6.38 6.03 -14.02
N VAL A 43 -6.36 7.21 -14.63
CA VAL A 43 -7.49 7.71 -15.38
C VAL A 43 -7.86 6.80 -16.54
N GLU A 44 -6.87 6.24 -17.21
CA GLU A 44 -7.08 5.42 -18.38
C GLU A 44 -7.23 3.95 -18.10
N GLY A 45 -7.34 3.56 -16.85
CA GLY A 45 -7.45 2.16 -16.49
C GLY A 45 -8.74 1.88 -15.75
N GLN A 46 -9.21 0.64 -15.80
CA GLN A 46 -10.44 0.33 -15.09
C GLN A 46 -10.33 0.41 -13.58
N HIS A 47 -9.32 -0.25 -13.02
CA HIS A 47 -8.80 -0.01 -11.69
C HIS A 47 -9.83 0.33 -10.65
N ASN A 48 -10.24 -0.69 -9.90
CA ASN A 48 -10.96 -0.48 -8.65
C ASN A 48 -9.94 -0.34 -7.53
N TYR A 49 -9.58 0.89 -7.18
CA TYR A 49 -8.69 1.19 -6.06
C TYR A 49 -9.47 1.29 -4.77
N LEU A 50 -9.01 0.60 -3.74
CA LEU A 50 -9.69 0.62 -2.46
C LEU A 50 -8.72 0.97 -1.36
N CYS A 51 -9.04 2.03 -0.61
CA CYS A 51 -8.22 2.43 0.56
C CYS A 51 -8.35 1.40 1.69
N ALA A 52 -7.26 1.13 2.42
CA ALA A 52 -7.32 0.18 3.52
C ALA A 52 -7.51 0.93 4.84
N GLY A 53 -7.59 2.25 4.74
CA GLY A 53 -7.65 3.12 5.89
C GLY A 53 -8.99 3.81 6.02
N ARG A 54 -8.97 5.13 5.90
CA ARG A 54 -10.17 5.94 6.03
C ARG A 54 -10.25 6.96 4.90
N ASN A 55 -9.74 6.61 3.72
CA ASN A 55 -9.70 7.53 2.57
C ASN A 55 -8.95 8.86 2.84
N ASP A 56 -7.94 8.81 3.71
CA ASP A 56 -7.13 10.00 4.01
C ASP A 56 -5.66 9.62 4.30
N CYS A 57 -5.10 8.71 3.51
CA CYS A 57 -3.72 8.29 3.73
C CYS A 57 -2.69 9.42 3.52
N ILE A 58 -1.55 9.27 4.18
CA ILE A 58 -0.41 10.16 3.93
C ILE A 58 0.30 9.72 2.64
N ILE A 59 0.50 10.65 1.73
CA ILE A 59 1.14 10.35 0.46
C ILE A 59 2.55 10.94 0.41
N ASP A 60 3.54 10.06 0.51
CA ASP A 60 4.96 10.40 0.62
C ASP A 60 5.72 9.87 -0.57
N LYS A 61 6.98 10.24 -0.64
CA LYS A 61 7.96 9.57 -1.47
C LYS A 61 7.87 8.09 -1.26
N ILE A 62 7.72 7.67 -0.04
CA ILE A 62 7.62 6.26 0.27
C ILE A 62 6.17 5.74 0.36
N ARG A 63 5.35 6.41 1.15
CA ARG A 63 3.99 5.95 1.40
C ARG A 63 3.05 5.97 0.17
N ARG A 64 3.44 6.66 -0.89
CA ARG A 64 2.62 6.77 -2.10
C ARG A 64 2.34 5.45 -2.78
N LYS A 65 3.14 4.45 -2.51
CA LYS A 65 2.93 3.12 -3.02
C LYS A 65 1.81 2.38 -2.29
N ASN A 66 1.59 2.72 -1.05
CA ASN A 66 0.62 2.04 -0.22
C ASN A 66 -0.81 2.17 -0.69
N CYS A 67 -1.21 3.38 -0.99
CA CYS A 67 -2.61 3.63 -1.30
C CYS A 67 -2.83 4.38 -2.60
N PRO A 68 -2.96 3.64 -3.71
CA PRO A 68 -3.28 4.21 -5.03
C PRO A 68 -4.60 4.98 -4.97
N ALA A 69 -5.53 4.51 -4.16
CA ALA A 69 -6.82 5.20 -4.04
C ALA A 69 -6.65 6.61 -3.47
N CYS A 70 -5.81 6.74 -2.45
CA CYS A 70 -5.58 8.05 -1.86
C CYS A 70 -4.66 8.90 -2.72
N ARG A 71 -3.72 8.25 -3.39
CA ARG A 71 -2.81 8.95 -4.28
C ARG A 71 -3.58 9.55 -5.48
N TYR A 72 -4.47 8.77 -6.07
CA TYR A 72 -5.26 9.21 -7.21
C TYR A 72 -6.18 10.35 -6.79
N ARG A 73 -6.80 10.19 -5.62
CA ARG A 73 -7.66 11.23 -5.06
C ARG A 73 -6.87 12.53 -4.86
N LYS A 74 -5.67 12.40 -4.28
CA LYS A 74 -4.83 13.57 -4.07
C LYS A 74 -4.44 14.21 -5.42
N CYS A 75 -4.23 13.39 -6.44
CA CYS A 75 -3.93 13.90 -7.77
C CYS A 75 -5.05 14.81 -8.28
N LEU A 76 -6.29 14.36 -8.14
CA LEU A 76 -7.44 15.14 -8.61
C LEU A 76 -7.59 16.45 -7.82
N GLN A 77 -7.53 16.36 -6.50
CA GLN A 77 -7.60 17.55 -5.64
C GLN A 77 -6.49 18.55 -5.93
N ALA A 78 -5.39 18.07 -6.53
CA ALA A 78 -4.28 18.94 -6.82
C ALA A 78 -4.49 19.71 -8.13
N GLY A 79 -5.44 19.22 -8.94
CA GLY A 79 -5.76 19.88 -10.19
C GLY A 79 -5.33 19.12 -11.43
N MET A 80 -4.77 17.93 -11.25
CA MET A 80 -4.28 17.17 -12.39
C MET A 80 -5.42 16.82 -13.35
N ASN A 81 -5.13 16.83 -14.63
CA ASN A 81 -6.17 16.73 -15.65
C ASN A 81 -5.58 16.40 -17.02
N LEU A 82 -6.34 15.64 -17.82
CA LEU A 82 -5.88 15.23 -19.14
C LEU A 82 -6.24 16.20 -20.26
N GLU A 83 -6.76 17.37 -19.92
CA GLU A 83 -7.26 18.34 -20.90
C GLU A 83 -8.37 17.78 -21.79
N LYS B 13 -11.67 -22.96 6.80
CA LYS B 13 -10.43 -22.68 7.51
C LYS B 13 -9.79 -21.35 7.10
N LEU B 14 -9.60 -20.44 8.05
CA LEU B 14 -9.24 -19.07 7.70
C LEU B 14 -7.85 -18.60 8.16
N CYS B 15 -7.17 -17.88 7.27
CA CYS B 15 -5.90 -17.22 7.58
C CYS B 15 -6.06 -16.25 8.75
N LEU B 16 -5.18 -16.35 9.73
CA LEU B 16 -5.26 -15.48 10.90
C LEU B 16 -4.76 -14.07 10.63
N VAL B 17 -4.21 -13.85 9.45
CA VAL B 17 -3.62 -12.57 9.10
C VAL B 17 -4.54 -11.78 8.16
N CYS B 18 -5.11 -12.44 7.16
CA CYS B 18 -5.92 -11.72 6.20
C CYS B 18 -7.33 -12.29 6.01
N SER B 19 -7.67 -13.35 6.73
CA SER B 19 -9.00 -13.98 6.69
C SER B 19 -9.31 -14.71 5.37
N ASP B 20 -8.36 -14.72 4.45
CA ASP B 20 -8.47 -15.57 3.28
C ASP B 20 -8.39 -17.05 3.71
N GLU B 21 -8.55 -17.97 2.77
CA GLU B 21 -8.53 -19.38 3.11
C GLU B 21 -7.13 -19.82 3.51
N ALA B 22 -7.03 -20.46 4.67
CA ALA B 22 -5.74 -20.95 5.14
C ALA B 22 -5.36 -22.18 4.33
N SER B 23 -4.07 -22.33 4.02
CA SER B 23 -3.57 -23.49 3.29
C SER B 23 -2.84 -24.48 4.21
N GLY B 24 -2.60 -24.06 5.45
CA GLY B 24 -1.96 -24.92 6.42
C GLY B 24 -1.37 -24.11 7.57
N CYS B 25 -0.66 -24.79 8.47
CA CYS B 25 -0.02 -24.13 9.59
C CYS B 25 1.38 -23.75 9.17
N HIS B 26 1.66 -22.45 9.14
CA HIS B 26 2.94 -21.97 8.65
C HIS B 26 3.59 -21.04 9.64
N TYR B 27 4.87 -21.28 9.92
CA TYR B 27 5.62 -20.51 10.90
C TYR B 27 4.82 -20.39 12.20
N GLY B 28 4.16 -21.50 12.55
CA GLY B 28 3.45 -21.66 13.82
C GLY B 28 1.98 -21.26 13.81
N VAL B 29 1.51 -20.74 12.69
CA VAL B 29 0.19 -20.13 12.65
C VAL B 29 -0.59 -20.58 11.42
N LEU B 30 -1.90 -20.75 11.59
CA LEU B 30 -2.78 -21.02 10.46
C LEU B 30 -2.80 -19.82 9.51
N THR B 31 -2.31 -19.99 8.28
CA THR B 31 -2.29 -18.88 7.30
C THR B 31 -2.49 -19.35 5.86
N CYS B 32 -2.82 -18.42 4.97
CA CYS B 32 -2.74 -18.67 3.54
C CYS B 32 -1.29 -18.65 3.07
N GLY B 33 -1.04 -19.14 1.87
CA GLY B 33 0.30 -19.13 1.30
C GLY B 33 0.85 -17.73 1.10
N SER B 34 -0.03 -16.77 0.80
CA SER B 34 0.38 -15.37 0.54
C SER B 34 1.12 -14.84 1.75
N CYS B 35 0.50 -15.04 2.91
CA CYS B 35 1.02 -14.45 4.13
C CYS B 35 2.25 -15.22 4.61
N LYS B 36 2.26 -16.54 4.36
CA LYS B 36 3.42 -17.37 4.67
C LYS B 36 4.70 -16.81 4.06
N VAL B 37 4.74 -16.63 2.75
CA VAL B 37 5.95 -16.14 2.10
C VAL B 37 6.22 -14.66 2.40
N PHE B 38 5.16 -13.90 2.60
CA PHE B 38 5.33 -12.47 2.94
C PHE B 38 6.07 -12.38 4.25
N PHE B 39 5.60 -13.15 5.23
CA PHE B 39 6.21 -13.10 6.54
C PHE B 39 7.69 -13.43 6.45
N LYS B 40 8.00 -14.57 5.84
CA LYS B 40 9.38 -15.02 5.69
C LYS B 40 10.22 -13.94 5.00
N ARG B 41 9.69 -13.38 3.93
CA ARG B 41 10.33 -12.26 3.24
C ARG B 41 10.55 -11.08 4.19
N ALA B 42 9.56 -10.78 5.03
CA ALA B 42 9.70 -9.61 5.90
C ALA B 42 10.74 -9.78 7.01
N VAL B 43 10.82 -10.98 7.60
CA VAL B 43 11.69 -11.19 8.75
C VAL B 43 13.14 -11.32 8.37
N GLU B 44 13.38 -11.58 7.09
CA GLU B 44 14.73 -11.86 6.61
C GLU B 44 15.44 -10.62 6.11
N GLY B 45 14.68 -9.71 5.52
CA GLY B 45 15.29 -8.55 4.92
C GLY B 45 15.48 -7.40 5.90
N GLN B 46 16.22 -6.40 5.44
CA GLN B 46 16.21 -5.09 6.07
C GLN B 46 15.13 -4.33 5.33
N HIS B 47 14.08 -3.94 6.03
CA HIS B 47 12.90 -3.41 5.34
C HIS B 47 12.44 -2.03 5.79
N ASN B 48 12.00 -1.92 7.05
CA ASN B 48 11.42 -0.68 7.60
C ASN B 48 10.22 -0.07 6.84
N TYR B 49 9.08 -0.74 6.89
CA TYR B 49 7.84 -0.28 6.26
C TYR B 49 7.18 0.89 6.92
N LEU B 50 6.45 1.68 6.15
CA LEU B 50 5.71 2.80 6.69
C LEU B 50 4.23 2.70 6.45
N CYS B 51 3.43 2.82 7.49
CA CYS B 51 1.99 2.87 7.37
C CYS B 51 1.58 4.29 6.94
N ALA B 52 0.67 4.39 5.97
CA ALA B 52 0.20 5.69 5.47
C ALA B 52 -1.06 6.12 6.20
N GLY B 53 -1.60 5.20 7.01
CA GLY B 53 -2.82 5.47 7.75
C GLY B 53 -2.50 5.62 9.22
N ARG B 54 -3.21 4.89 10.07
CA ARG B 54 -3.02 5.02 11.53
C ARG B 54 -2.60 3.73 12.22
N ASN B 55 -1.73 2.97 11.57
CA ASN B 55 -1.27 1.68 12.09
C ASN B 55 -2.38 0.68 12.38
N ASP B 56 -3.53 0.82 11.72
CA ASP B 56 -4.64 -0.13 11.88
C ASP B 56 -5.36 -0.38 10.55
N CYS B 57 -4.60 -0.53 9.48
CA CYS B 57 -5.17 -0.73 8.17
C CYS B 57 -5.93 -2.06 8.09
N ILE B 58 -7.00 -2.11 7.33
CA ILE B 58 -7.74 -3.36 7.13
C ILE B 58 -6.93 -4.30 6.25
N ILE B 59 -6.53 -5.44 6.82
CA ILE B 59 -5.77 -6.43 6.05
C ILE B 59 -6.69 -7.59 5.71
N ASP B 60 -7.25 -7.55 4.51
CA ASP B 60 -7.99 -8.71 4.00
C ASP B 60 -7.43 -9.08 2.63
N LYS B 61 -8.11 -10.01 1.95
CA LYS B 61 -7.61 -10.52 0.67
C LYS B 61 -7.40 -9.35 -0.29
N ILE B 62 -8.42 -8.51 -0.39
CA ILE B 62 -8.38 -7.33 -1.24
C ILE B 62 -7.27 -6.34 -0.87
N ARG B 63 -7.13 -6.04 0.42
CA ARG B 63 -6.32 -4.89 0.84
C ARG B 63 -4.94 -5.20 1.38
N ARG B 64 -4.63 -6.49 1.56
CA ARG B 64 -3.38 -6.90 2.20
C ARG B 64 -2.12 -6.34 1.56
N LYS B 65 -2.14 -6.11 0.26
CA LYS B 65 -0.99 -5.54 -0.45
C LYS B 65 -0.79 -4.06 -0.15
N ASN B 66 -1.81 -3.38 0.40
CA ASN B 66 -1.72 -1.93 0.63
C ASN B 66 -0.71 -1.55 1.72
N CYS B 67 -0.73 -2.27 2.83
CA CYS B 67 0.13 -1.89 3.94
C CYS B 67 0.96 -3.05 4.48
N PRO B 68 2.18 -3.20 3.96
CA PRO B 68 3.12 -4.21 4.46
C PRO B 68 3.37 -4.04 5.96
N ALA B 69 3.47 -2.79 6.42
CA ALA B 69 3.70 -2.54 7.84
C ALA B 69 2.58 -3.16 8.72
N CYS B 70 1.33 -2.83 8.41
CA CYS B 70 0.23 -3.36 9.18
C CYS B 70 0.11 -4.90 9.02
N ARG B 71 0.43 -5.40 7.84
CA ARG B 71 0.39 -6.82 7.55
C ARG B 71 1.42 -7.58 8.39
N TYR B 72 2.64 -7.05 8.42
CA TYR B 72 3.74 -7.61 9.21
C TYR B 72 3.34 -7.59 10.68
N ARG B 73 2.73 -6.49 11.08
CA ARG B 73 2.28 -6.32 12.45
C ARG B 73 1.26 -7.41 12.79
N LYS B 74 0.30 -7.65 11.90
CA LYS B 74 -0.66 -8.74 12.14
C LYS B 74 -0.02 -10.13 12.15
N CYS B 75 1.03 -10.33 11.34
CA CYS B 75 1.78 -11.58 11.36
C CYS B 75 2.37 -11.79 12.75
N LEU B 76 3.03 -10.77 13.29
CA LEU B 76 3.62 -10.90 14.62
C LEU B 76 2.56 -11.10 15.70
N GLN B 77 1.45 -10.37 15.58
CA GLN B 77 0.39 -10.45 16.56
C GLN B 77 -0.23 -11.83 16.62
N ALA B 78 -0.31 -12.48 15.46
CA ALA B 78 -0.91 -13.81 15.38
C ALA B 78 0.05 -14.87 15.93
N GLY B 79 1.34 -14.52 16.02
CA GLY B 79 2.30 -15.37 16.69
C GLY B 79 3.32 -15.99 15.77
N MET B 80 3.40 -15.48 14.53
CA MET B 80 4.27 -16.09 13.53
C MET B 80 5.74 -15.94 13.90
N ASN B 81 6.50 -16.99 13.72
CA ASN B 81 7.91 -16.96 14.00
C ASN B 81 8.68 -18.00 13.22
N LEU B 82 9.93 -17.74 12.96
CA LEU B 82 10.75 -18.68 12.21
C LEU B 82 10.96 -19.96 12.98
N GLU B 83 10.86 -19.90 14.29
CA GLU B 83 11.13 -21.06 15.10
C GLU B 83 12.56 -21.29 14.78
N ALA B 84 12.87 -22.41 14.20
N1 5CM D 10 2.97 -7.21 -12.29
C2 5CM D 10 4.04 -7.00 -11.39
N3 5CM D 10 5.30 -7.14 -11.73
C4 5CM D 10 5.57 -7.50 -12.95
C5 5CM D 10 4.50 -7.74 -13.90
C5A 5CM D 10 4.91 -8.13 -15.29
C6 5CM D 10 3.20 -7.58 -13.53
O2 5CM D 10 3.82 -6.65 -10.23
N4 5CM D 10 6.82 -7.66 -13.36
C1' 5CM D 10 1.61 -7.04 -11.81
C2' 5CM D 10 0.72 -6.12 -12.61
C3' 5CM D 10 -0.67 -6.68 -12.43
C4' 5CM D 10 -0.46 -8.04 -11.81
O4' 5CM D 10 0.93 -8.28 -11.91
O3' 5CM D 10 -1.48 -5.89 -11.54
C5' 5CM D 10 -1.24 -9.17 -12.49
O5' 5CM D 10 -1.38 -8.99 -13.88
P 5CM D 10 -1.14 -10.28 -14.73
OP1 5CM D 10 -2.41 -11.05 -14.67
OP2 5CM D 10 -0.54 -9.91 -16.03
ZN ZN E . 4.94 12.81 -6.74
ZN ZN F . -5.86 5.46 1.59
ZN ZN G . -3.31 -14.55 4.67
ZN ZN H . -1.17 0.51 7.77
#